data_2CXX
#
_entry.id   2CXX
#
_cell.length_a   75.357
_cell.length_b   75.357
_cell.length_c   79.112
_cell.angle_alpha   90.00
_cell.angle_beta   90.00
_cell.angle_gamma   120.00
#
_symmetry.space_group_name_H-M   'P 31'
#
loop_
_entity.id
_entity.type
_entity.pdbx_description
1 polymer 'Probable GTP-binding protein engB'
2 non-polymer "GUANOSINE-5'-DIPHOSPHATE"
3 water water
#
_entity_poly.entity_id   1
_entity_poly.type   'polypeptide(L)'
_entity_poly.pdbx_seq_one_letter_code
;(MSE)ATIIFAGRSNVGKSTLIYRLTGKKVRRGKRPGVTRKIIEIEWKNHKIID(MSE)PGFGF(MSE)(MSE)GLPKEV
QERIKDEIVHFIEDNAKNIDVAVLVVDGKAAPEIIKRWEKRGEIPIDVEFYQFLRELDIPTIVAVNKLDKIKNVQEVINF
LAEKFEVPLSEIDKVFIPISAKFGDNIERLKNRIFEVIRERQGRRV
;
_entity_poly.pdbx_strand_id   A,B,C
#
# COMPACT_ATOMS: atom_id res chain seq x y z
N ALA A 2 5.73 -11.32 20.87
CA ALA A 2 6.00 -11.79 19.44
C ALA A 2 4.90 -11.33 18.49
N THR A 3 5.17 -11.35 17.17
CA THR A 3 4.17 -10.94 16.20
C THR A 3 3.85 -12.17 15.38
N ILE A 4 2.56 -12.45 15.23
CA ILE A 4 2.06 -13.63 14.51
C ILE A 4 1.14 -13.13 13.40
N ILE A 5 1.41 -13.51 12.16
CA ILE A 5 0.49 -13.09 11.11
C ILE A 5 -0.46 -14.27 10.80
N PHE A 6 -1.69 -13.92 10.45
CA PHE A 6 -2.70 -14.87 10.04
C PHE A 6 -3.07 -14.51 8.62
N ALA A 7 -3.29 -15.54 7.82
CA ALA A 7 -3.63 -15.33 6.44
C ALA A 7 -4.39 -16.55 5.93
N GLY A 8 -5.19 -16.36 4.90
CA GLY A 8 -5.91 -17.52 4.34
C GLY A 8 -6.95 -17.06 3.30
N ARG A 9 -7.46 -17.98 2.51
CA ARG A 9 -8.48 -17.57 1.55
C ARG A 9 -9.75 -17.20 2.30
N SER A 10 -10.54 -16.34 1.70
CA SER A 10 -11.79 -15.95 2.31
C SER A 10 -12.70 -17.17 2.55
N ASN A 11 -13.36 -17.16 3.68
CA ASN A 11 -14.32 -18.15 4.14
C ASN A 11 -13.72 -19.46 4.61
N VAL A 12 -12.42 -19.51 4.94
CA VAL A 12 -11.81 -20.79 5.40
C VAL A 12 -12.01 -20.93 6.91
N GLY A 13 -12.39 -19.83 7.56
CA GLY A 13 -12.63 -19.77 8.99
C GLY A 13 -11.55 -19.03 9.78
N LYS A 14 -10.83 -18.15 9.13
CA LYS A 14 -9.77 -17.40 9.81
C LYS A 14 -10.27 -16.50 10.91
N SER A 15 -11.30 -15.68 10.65
CA SER A 15 -11.79 -14.81 11.71
C SER A 15 -12.37 -15.67 12.85
N THR A 16 -13.07 -16.77 12.55
CA THR A 16 -13.54 -17.67 13.59
C THR A 16 -12.37 -18.24 14.44
N LEU A 17 -11.29 -18.63 13.79
CA LEU A 17 -10.14 -19.19 14.51
C LEU A 17 -9.52 -18.10 15.42
N ILE A 18 -9.38 -16.88 14.92
CA ILE A 18 -8.81 -15.80 15.72
C ILE A 18 -9.66 -15.54 16.95
N TYR A 19 -10.96 -15.60 16.77
CA TYR A 19 -11.86 -15.45 17.92
C TYR A 19 -11.69 -16.61 18.90
N ARG A 20 -11.61 -17.85 18.42
CA ARG A 20 -11.37 -18.99 19.35
C ARG A 20 -10.06 -18.84 20.16
N LEU A 21 -9.02 -18.32 19.51
CA LEU A 21 -7.71 -18.15 20.11
C LEU A 21 -7.63 -16.96 21.07
N THR A 22 -8.28 -15.89 20.73
CA THR A 22 -8.14 -14.68 21.50
C THR A 22 -9.36 -14.17 22.25
N GLY A 23 -10.52 -14.68 21.93
CA GLY A 23 -11.74 -14.15 22.55
C GLY A 23 -12.13 -12.81 21.96
N LYS A 24 -11.49 -12.38 20.87
CA LYS A 24 -11.83 -11.11 20.24
C LYS A 24 -12.46 -11.32 18.86
N LYS A 25 -13.65 -10.74 18.67
CA LYS A 25 -14.40 -10.84 17.43
C LYS A 25 -13.81 -9.83 16.52
N VAL A 26 -13.35 -10.28 15.37
CA VAL A 26 -12.80 -9.39 14.40
C VAL A 26 -13.54 -9.62 13.10
N ARG A 27 -13.52 -8.60 12.27
CA ARG A 27 -14.15 -8.63 10.95
C ARG A 27 -15.63 -9.04 10.98
N ARG A 28 -16.34 -8.60 12.00
CA ARG A 28 -17.76 -8.93 12.04
C ARG A 28 -18.65 -7.72 11.71
N GLY A 29 -18.04 -6.62 11.28
CA GLY A 29 -18.83 -5.45 10.89
C GLY A 29 -18.87 -4.28 11.82
N LYS A 30 -18.44 -4.44 13.07
CA LYS A 30 -18.49 -3.29 13.97
C LYS A 30 -17.71 -2.19 13.28
N ARG A 31 -16.60 -2.56 12.65
CA ARG A 31 -15.81 -1.58 11.95
C ARG A 31 -16.02 -1.75 10.46
N PRO A 32 -16.83 -0.88 9.86
CA PRO A 32 -17.04 -1.06 8.42
C PRO A 32 -15.81 -0.58 7.66
N GLY A 33 -15.70 -0.97 6.40
CA GLY A 33 -14.55 -0.54 5.62
C GLY A 33 -13.19 -1.11 6.00
N VAL A 34 -13.18 -2.20 6.76
CA VAL A 34 -11.92 -2.81 7.11
C VAL A 34 -11.80 -4.12 6.30
N THR A 35 -12.84 -4.45 5.54
CA THR A 35 -12.87 -5.67 4.73
C THR A 35 -11.67 -5.88 3.80
N ARG A 36 -11.11 -4.79 3.32
CA ARG A 36 -9.99 -4.91 2.42
C ARG A 36 -8.67 -4.45 3.05
N LYS A 37 -8.65 -4.38 4.39
CA LYS A 37 -7.50 -3.89 5.15
C LYS A 37 -6.91 -4.87 6.18
N ILE A 38 -5.65 -4.62 6.47
CA ILE A 38 -4.90 -5.41 7.46
C ILE A 38 -5.24 -4.86 8.81
N ILE A 39 -5.49 -5.74 9.78
CA ILE A 39 -5.85 -5.29 11.11
C ILE A 39 -4.90 -5.89 12.14
N GLU A 40 -4.71 -5.20 13.26
CA GLU A 40 -3.86 -5.69 14.36
C GLU A 40 -4.70 -6.00 15.57
N ILE A 41 -4.41 -7.13 16.16
CA ILE A 41 -5.13 -7.61 17.35
C ILE A 41 -4.18 -7.86 18.53
N GLU A 42 -4.49 -7.30 19.70
CA GLU A 42 -3.70 -7.58 20.87
C GLU A 42 -4.11 -8.93 21.45
N TRP A 43 -3.16 -9.85 21.60
CA TRP A 43 -3.43 -11.22 22.12
C TRP A 43 -2.55 -11.32 23.36
N LYS A 44 -3.15 -10.96 24.50
CA LYS A 44 -2.40 -10.82 25.75
C LYS A 44 -1.21 -9.94 25.42
N ASN A 45 0.04 -10.40 25.60
CA ASN A 45 1.19 -9.55 25.34
C ASN A 45 1.80 -9.65 23.94
N HIS A 46 1.13 -10.42 23.08
CA HIS A 46 1.54 -10.65 21.67
C HIS A 46 0.62 -9.91 20.73
N LYS A 47 1.01 -9.87 19.45
CA LYS A 47 0.25 -9.15 18.48
C LYS A 47 -0.07 -10.07 17.33
N ILE A 48 -1.34 -10.10 16.93
CA ILE A 48 -1.71 -10.79 15.69
C ILE A 48 -1.92 -9.71 14.60
N ILE A 49 -1.32 -9.92 13.43
CA ILE A 49 -1.57 -9.01 12.31
C ILE A 49 -2.33 -9.90 11.34
N ASP A 50 -3.58 -9.55 11.10
CA ASP A 50 -4.49 -10.35 10.30
C ASP A 50 -4.69 -9.81 8.91
N PRO A 52 -6.35 -9.53 5.17
CA PRO A 52 -7.69 -9.75 4.65
C PRO A 52 -7.67 -11.10 3.86
N GLY A 53 -8.79 -11.80 3.84
CA GLY A 53 -8.82 -13.08 3.12
C GLY A 53 -8.44 -12.96 1.64
N PHE A 54 -7.69 -13.96 1.15
CA PHE A 54 -7.26 -14.02 -0.25
C PHE A 54 -8.41 -14.53 -1.12
N GLY A 55 -8.27 -14.33 -2.42
CA GLY A 55 -9.21 -14.92 -3.35
C GLY A 55 -10.56 -14.26 -3.51
N PHE A 56 -11.44 -15.01 -4.13
CA PHE A 56 -12.76 -14.52 -4.45
C PHE A 56 -13.71 -14.35 -3.29
N GLY A 59 -18.85 -9.64 -4.93
CA GLY A 59 -18.84 -8.22 -4.72
C GLY A 59 -17.44 -7.66 -4.73
N LEU A 60 -16.44 -8.52 -4.57
CA LEU A 60 -15.06 -8.06 -4.56
C LEU A 60 -14.54 -8.27 -5.97
N PRO A 61 -14.32 -7.17 -6.72
CA PRO A 61 -13.82 -7.28 -8.08
C PRO A 61 -12.48 -8.03 -8.11
N LYS A 62 -12.21 -8.73 -9.17
CA LYS A 62 -10.95 -9.45 -9.17
C LYS A 62 -9.71 -8.53 -9.21
N GLU A 63 -9.86 -7.28 -9.67
CA GLU A 63 -8.74 -6.33 -9.71
C GLU A 63 -8.41 -5.90 -8.27
N VAL A 64 -9.43 -5.84 -7.41
CA VAL A 64 -9.24 -5.40 -6.06
C VAL A 64 -8.66 -6.56 -5.28
N GLN A 65 -9.08 -7.74 -5.68
CA GLN A 65 -8.58 -9.00 -5.14
C GLN A 65 -7.05 -9.02 -5.35
N GLU A 66 -6.58 -8.74 -6.57
CA GLU A 66 -5.14 -8.72 -6.84
C GLU A 66 -4.45 -7.60 -6.08
N ARG A 67 -5.12 -6.46 -5.97
CA ARG A 67 -4.49 -5.33 -5.27
C ARG A 67 -4.27 -5.68 -3.80
N ILE A 68 -5.26 -6.33 -3.23
CA ILE A 68 -5.18 -6.76 -1.84
C ILE A 68 -4.02 -7.72 -1.66
N LYS A 69 -3.92 -8.70 -2.56
CA LYS A 69 -2.86 -9.67 -2.49
C LYS A 69 -1.50 -8.96 -2.54
N ASP A 70 -1.38 -7.92 -3.40
CA ASP A 70 -0.13 -7.15 -3.51
C ASP A 70 0.22 -6.42 -2.23
N GLU A 71 -0.81 -5.91 -1.57
CA GLU A 71 -0.66 -5.17 -0.32
C GLU A 71 -0.14 -6.09 0.81
N ILE A 72 -0.69 -7.31 0.85
CA ILE A 72 -0.33 -8.33 1.84
C ILE A 72 1.12 -8.72 1.58
N VAL A 73 1.46 -8.94 0.32
CA VAL A 73 2.84 -9.32 -0.08
C VAL A 73 3.81 -8.23 0.34
N HIS A 74 3.46 -6.99 0.06
CA HIS A 74 4.33 -5.87 0.41
C HIS A 74 4.49 -5.73 1.94
N PHE A 75 3.39 -5.85 2.67
CA PHE A 75 3.52 -5.78 4.12
C PHE A 75 4.42 -6.90 4.65
N ILE A 76 4.15 -8.12 4.21
CA ILE A 76 4.98 -9.25 4.75
C ILE A 76 6.45 -9.16 4.30
N GLU A 77 6.68 -8.76 3.07
CA GLU A 77 8.06 -8.57 2.65
C GLU A 77 8.71 -7.49 3.50
N ASP A 78 8.02 -6.38 3.70
CA ASP A 78 8.62 -5.25 4.46
C ASP A 78 8.82 -5.46 5.96
N ASN A 79 7.96 -6.28 6.54
CA ASN A 79 8.00 -6.56 7.96
C ASN A 79 8.51 -7.97 8.30
N ALA A 80 9.02 -8.69 7.30
CA ALA A 80 9.47 -10.07 7.53
C ALA A 80 10.39 -10.24 8.73
N LYS A 81 11.37 -9.35 8.89
CA LYS A 81 12.28 -9.48 10.04
C LYS A 81 11.60 -9.31 11.39
N ASN A 82 10.36 -8.80 11.38
CA ASN A 82 9.62 -8.56 12.60
C ASN A 82 8.39 -9.43 12.72
N ILE A 83 8.38 -10.52 11.95
CA ILE A 83 7.29 -11.47 12.01
C ILE A 83 7.86 -12.77 12.57
N ASP A 84 7.40 -13.18 13.74
CA ASP A 84 7.96 -14.39 14.33
C ASP A 84 7.43 -15.73 13.82
N VAL A 85 6.15 -15.76 13.48
CA VAL A 85 5.57 -16.97 12.94
C VAL A 85 4.35 -16.60 12.13
N ALA A 86 3.99 -17.40 11.14
CA ALA A 86 2.82 -17.18 10.31
C ALA A 86 1.89 -18.37 10.44
N VAL A 87 0.60 -18.08 10.52
CA VAL A 87 -0.39 -19.16 10.52
C VAL A 87 -1.20 -19.02 9.23
N LEU A 88 -1.09 -20.01 8.35
CA LEU A 88 -1.89 -19.99 7.14
C LEU A 88 -3.08 -20.91 7.46
N VAL A 89 -4.28 -20.33 7.41
CA VAL A 89 -5.51 -21.10 7.64
C VAL A 89 -6.01 -21.61 6.32
N VAL A 90 -6.26 -22.92 6.20
CA VAL A 90 -6.83 -23.49 4.97
C VAL A 90 -8.07 -24.25 5.34
N ASP A 91 -8.93 -24.45 4.34
CA ASP A 91 -10.18 -25.16 4.55
C ASP A 91 -9.78 -26.59 4.11
N GLY A 92 -9.64 -27.50 5.08
CA GLY A 92 -9.19 -28.86 4.79
C GLY A 92 -10.09 -29.63 3.81
N LYS A 93 -11.38 -29.37 3.88
CA LYS A 93 -12.30 -30.04 2.92
C LYS A 93 -12.16 -29.49 1.50
N ALA A 94 -12.22 -28.17 1.33
CA ALA A 94 -12.14 -27.60 0.00
C ALA A 94 -10.78 -27.51 -0.68
N ALA A 95 -9.75 -27.17 0.08
CA ALA A 95 -8.41 -26.94 -0.45
C ALA A 95 -7.83 -27.94 -1.39
N PRO A 96 -7.96 -29.25 -1.06
CA PRO A 96 -7.38 -30.20 -2.03
C PRO A 96 -8.13 -30.22 -3.38
N GLU A 97 -9.45 -30.00 -3.35
CA GLU A 97 -10.21 -30.07 -4.58
C GLU A 97 -10.00 -28.81 -5.38
N ILE A 98 -9.81 -27.66 -4.69
CA ILE A 98 -9.53 -26.42 -5.41
C ILE A 98 -8.14 -26.56 -6.07
N ILE A 99 -7.18 -27.13 -5.35
CA ILE A 99 -5.84 -27.26 -5.90
C ILE A 99 -5.90 -28.06 -7.18
N LYS A 100 -6.63 -29.16 -7.19
CA LYS A 100 -6.72 -30.01 -8.38
C LYS A 100 -7.36 -29.30 -9.61
N ARG A 101 -8.41 -28.49 -9.37
CA ARG A 101 -9.03 -27.82 -10.52
C ARG A 101 -8.16 -26.68 -11.05
N TRP A 102 -7.43 -26.02 -10.17
CA TRP A 102 -6.56 -24.96 -10.62
C TRP A 102 -5.37 -25.55 -11.41
N GLU A 103 -4.81 -26.63 -10.92
CA GLU A 103 -3.67 -27.22 -11.62
C GLU A 103 -4.17 -27.69 -12.98
N LYS A 104 -5.36 -28.30 -13.04
CA LYS A 104 -5.91 -28.72 -14.33
C LYS A 104 -5.86 -27.59 -15.34
N ARG A 105 -6.22 -26.37 -14.95
CA ARG A 105 -6.19 -25.30 -15.94
C ARG A 105 -4.90 -24.49 -16.03
N GLY A 106 -3.84 -25.03 -15.44
CA GLY A 106 -2.54 -24.39 -15.46
C GLY A 106 -2.34 -23.17 -14.61
N GLU A 107 -3.06 -23.03 -13.51
CA GLU A 107 -2.88 -21.87 -12.65
C GLU A 107 -2.33 -22.37 -11.32
N ILE A 108 -1.62 -21.49 -10.61
CA ILE A 108 -1.02 -21.85 -9.35
C ILE A 108 -2.05 -21.56 -8.29
N PRO A 109 -2.47 -22.60 -7.54
CA PRO A 109 -3.48 -22.37 -6.47
C PRO A 109 -2.94 -21.36 -5.44
N ILE A 110 -3.85 -20.51 -4.96
CA ILE A 110 -3.48 -19.47 -3.99
C ILE A 110 -2.79 -20.05 -2.74
N ASP A 111 -3.31 -21.11 -2.19
CA ASP A 111 -2.73 -21.69 -0.98
C ASP A 111 -1.29 -22.15 -1.16
N VAL A 112 -1.03 -22.74 -2.32
CA VAL A 112 0.29 -23.27 -2.65
C VAL A 112 1.23 -22.06 -2.88
N GLU A 113 0.75 -21.10 -3.64
CA GLU A 113 1.53 -19.93 -3.95
C GLU A 113 1.93 -19.22 -2.68
N PHE A 114 0.97 -19.07 -1.75
CA PHE A 114 1.28 -18.35 -0.52
C PHE A 114 2.20 -19.07 0.45
N TYR A 115 1.99 -20.35 0.65
CA TYR A 115 2.88 -21.08 1.54
C TYR A 115 4.30 -21.04 0.95
N GLN A 116 4.42 -21.15 -0.37
CA GLN A 116 5.76 -21.15 -0.93
C GLN A 116 6.38 -19.79 -0.86
N PHE A 117 5.53 -18.74 -0.89
CA PHE A 117 6.04 -17.38 -0.77
C PHE A 117 6.62 -17.21 0.65
N LEU A 118 5.89 -17.64 1.67
CA LEU A 118 6.41 -17.50 3.03
C LEU A 118 7.74 -18.23 3.18
N ARG A 119 7.89 -19.35 2.47
CA ARG A 119 9.16 -20.12 2.58
C ARG A 119 10.30 -19.34 1.96
N GLU A 120 10.06 -18.64 0.86
CA GLU A 120 11.10 -17.78 0.26
C GLU A 120 11.49 -16.69 1.21
N LEU A 121 10.58 -16.30 2.10
CA LEU A 121 10.88 -15.24 3.08
C LEU A 121 11.42 -15.71 4.42
N ASP A 122 11.61 -17.01 4.56
CA ASP A 122 12.16 -17.68 5.75
C ASP A 122 11.27 -17.46 6.97
N ILE A 123 9.96 -17.37 6.73
CA ILE A 123 9.07 -17.18 7.86
C ILE A 123 8.48 -18.53 8.29
N PRO A 124 8.74 -18.97 9.54
CA PRO A 124 8.21 -20.25 10.04
C PRO A 124 6.68 -20.18 9.85
N THR A 125 6.11 -21.23 9.26
CA THR A 125 4.68 -21.23 8.98
C THR A 125 3.96 -22.45 9.49
N ILE A 126 2.86 -22.24 10.18
CA ILE A 126 2.03 -23.36 10.64
C ILE A 126 0.79 -23.34 9.76
N VAL A 127 0.35 -24.48 9.25
CA VAL A 127 -0.86 -24.52 8.47
C VAL A 127 -1.97 -25.03 9.37
N ALA A 128 -2.98 -24.19 9.64
CA ALA A 128 -4.13 -24.62 10.45
C ALA A 128 -5.11 -25.26 9.44
N VAL A 129 -5.30 -26.56 9.50
CA VAL A 129 -6.19 -27.25 8.56
C VAL A 129 -7.58 -27.26 9.21
N ASN A 130 -8.37 -26.26 8.85
CA ASN A 130 -9.64 -26.03 9.48
C ASN A 130 -10.77 -26.80 8.84
N LYS A 131 -11.87 -26.85 9.60
CA LYS A 131 -13.11 -27.54 9.22
C LYS A 131 -12.93 -29.04 9.30
N LEU A 132 -12.15 -29.44 10.28
CA LEU A 132 -11.89 -30.86 10.43
C LEU A 132 -13.16 -31.71 10.53
N ASP A 133 -14.21 -31.11 11.06
CA ASP A 133 -15.48 -31.79 11.23
C ASP A 133 -16.13 -32.18 9.89
N LYS A 134 -15.64 -31.65 8.77
CA LYS A 134 -16.19 -31.95 7.45
C LYS A 134 -15.28 -32.91 6.69
N ILE A 135 -14.12 -33.24 7.28
CA ILE A 135 -13.12 -34.05 6.61
C ILE A 135 -13.13 -35.51 7.01
N LYS A 136 -13.46 -36.38 6.05
CA LYS A 136 -13.49 -37.82 6.30
C LYS A 136 -12.11 -38.46 6.44
N ASN A 137 -11.09 -37.99 5.71
CA ASN A 137 -9.75 -38.59 5.85
C ASN A 137 -8.73 -37.47 5.99
N VAL A 138 -8.57 -37.01 7.22
CA VAL A 138 -7.68 -35.89 7.45
C VAL A 138 -6.24 -36.21 7.13
N GLN A 139 -5.76 -37.41 7.44
CA GLN A 139 -4.38 -37.76 7.13
C GLN A 139 -4.11 -37.66 5.63
N GLU A 140 -5.07 -38.10 4.85
CA GLU A 140 -4.96 -38.04 3.41
C GLU A 140 -4.93 -36.61 2.95
N VAL A 141 -5.74 -35.73 3.57
CA VAL A 141 -5.74 -34.33 3.15
C VAL A 141 -4.37 -33.68 3.44
N ILE A 142 -3.89 -33.90 4.65
CA ILE A 142 -2.62 -33.34 5.08
C ILE A 142 -1.47 -33.91 4.24
N ASN A 143 -1.54 -35.16 3.84
CA ASN A 143 -0.45 -35.69 3.03
C ASN A 143 -0.46 -35.06 1.67
N PHE A 144 -1.67 -34.80 1.13
CA PHE A 144 -1.79 -34.18 -0.18
C PHE A 144 -1.24 -32.74 -0.13
N LEU A 145 -1.65 -31.99 0.90
CA LEU A 145 -1.23 -30.61 1.02
C LEU A 145 0.27 -30.56 1.23
N ALA A 146 0.82 -31.50 1.99
CA ALA A 146 2.26 -31.49 2.23
C ALA A 146 3.02 -31.64 0.91
N GLU A 147 2.56 -32.56 0.05
CA GLU A 147 3.21 -32.75 -1.24
C GLU A 147 3.07 -31.47 -2.12
N LYS A 148 1.89 -30.84 -2.13
CA LYS A 148 1.69 -29.66 -2.97
C LYS A 148 2.43 -28.41 -2.47
N PHE A 149 2.56 -28.32 -1.15
CA PHE A 149 3.25 -27.15 -0.52
C PHE A 149 4.78 -27.37 -0.42
N GLU A 150 5.27 -28.53 -0.85
CA GLU A 150 6.71 -28.88 -0.79
C GLU A 150 7.21 -28.94 0.65
N VAL A 151 6.45 -29.64 1.48
CA VAL A 151 6.75 -29.87 2.87
C VAL A 151 7.32 -31.28 3.01
N PRO A 152 8.54 -31.40 3.57
CA PRO A 152 9.17 -32.72 3.75
C PRO A 152 8.34 -33.63 4.68
N LEU A 153 8.34 -34.92 4.39
CA LEU A 153 7.59 -35.86 5.24
C LEU A 153 7.95 -35.69 6.73
N SER A 154 9.23 -35.51 7.04
CA SER A 154 9.69 -35.35 8.41
C SER A 154 9.08 -34.14 9.11
N GLU A 155 8.63 -33.17 8.32
CA GLU A 155 8.08 -31.97 8.94
C GLU A 155 6.57 -31.88 8.94
N ILE A 156 5.87 -32.84 8.35
CA ILE A 156 4.40 -32.73 8.29
C ILE A 156 3.63 -32.47 9.59
N ASP A 157 3.95 -33.22 10.64
CA ASP A 157 3.24 -33.02 11.88
C ASP A 157 3.64 -31.74 12.61
N LYS A 158 4.74 -31.10 12.19
CA LYS A 158 5.21 -29.87 12.78
C LYS A 158 4.52 -28.67 12.09
N VAL A 159 4.13 -28.91 10.85
CA VAL A 159 3.53 -27.85 10.05
C VAL A 159 2.03 -27.85 10.02
N PHE A 160 1.46 -29.02 9.75
CA PHE A 160 0.00 -29.18 9.59
C PHE A 160 -0.76 -29.56 10.84
N ILE A 161 -1.58 -28.63 11.34
CA ILE A 161 -2.35 -28.89 12.54
C ILE A 161 -3.84 -28.86 12.23
N PRO A 162 -4.49 -30.04 12.19
CA PRO A 162 -5.92 -29.99 11.91
C PRO A 162 -6.73 -29.49 13.12
N ILE A 163 -7.72 -28.63 12.85
CA ILE A 163 -8.55 -28.07 13.94
C ILE A 163 -10.00 -27.90 13.43
N SER A 164 -10.90 -27.64 14.38
CA SER A 164 -12.25 -27.18 14.01
C SER A 164 -12.44 -25.90 14.81
N ALA A 165 -12.33 -24.74 14.15
CA ALA A 165 -12.51 -23.47 14.80
C ALA A 165 -13.98 -23.36 15.25
N LYS A 166 -14.86 -24.05 14.54
CA LYS A 166 -16.27 -24.01 14.86
C LYS A 166 -16.57 -24.66 16.19
N PHE A 167 -16.11 -25.90 16.34
CA PHE A 167 -16.39 -26.64 17.57
C PHE A 167 -15.28 -26.63 18.60
N GLY A 168 -14.10 -26.16 18.23
CA GLY A 168 -13.04 -26.09 19.21
C GLY A 168 -12.00 -27.20 19.17
N ASP A 169 -12.21 -28.22 18.35
CA ASP A 169 -11.27 -29.33 18.25
C ASP A 169 -9.79 -28.92 18.00
N ASN A 170 -8.87 -29.33 18.88
CA ASN A 170 -7.41 -29.07 18.72
C ASN A 170 -6.94 -27.62 18.73
N ILE A 171 -7.81 -26.69 19.10
CA ILE A 171 -7.39 -25.30 19.20
C ILE A 171 -6.28 -25.16 20.22
N GLU A 172 -6.35 -25.86 21.36
CA GLU A 172 -5.25 -25.71 22.30
C GLU A 172 -3.94 -26.24 21.73
N ARG A 173 -4.01 -27.31 20.94
CA ARG A 173 -2.78 -27.83 20.35
C ARG A 173 -2.19 -26.80 19.37
N LEU A 174 -3.07 -26.07 18.65
CA LEU A 174 -2.62 -25.09 17.68
C LEU A 174 -1.96 -23.94 18.45
N LYS A 175 -2.57 -23.53 19.56
CA LYS A 175 -1.99 -22.48 20.39
C LYS A 175 -0.60 -22.93 20.89
N ASN A 176 -0.50 -24.16 21.38
CA ASN A 176 0.80 -24.65 21.87
C ASN A 176 1.85 -24.63 20.78
N ARG A 177 1.47 -25.08 19.58
CA ARG A 177 2.41 -25.07 18.44
C ARG A 177 2.93 -23.65 18.15
N ILE A 178 2.03 -22.68 18.05
CA ILE A 178 2.38 -21.31 17.79
C ILE A 178 3.42 -20.83 18.80
N PHE A 179 3.17 -21.08 20.08
CA PHE A 179 4.12 -20.61 21.05
C PHE A 179 5.40 -21.36 21.07
N GLU A 180 5.33 -22.63 20.71
CA GLU A 180 6.53 -23.46 20.68
C GLU A 180 7.40 -22.95 19.52
N VAL A 181 6.81 -22.74 18.34
CA VAL A 181 7.58 -22.20 17.22
C VAL A 181 8.23 -20.87 17.57
N ILE A 182 7.48 -19.99 18.26
CA ILE A 182 8.00 -18.68 18.65
C ILE A 182 9.23 -18.82 19.57
N ARG A 183 9.13 -19.70 20.55
CA ARG A 183 10.24 -19.90 21.45
C ARG A 183 11.41 -20.55 20.73
N GLU A 184 11.18 -21.67 20.05
CA GLU A 184 12.24 -22.38 19.32
C GLU A 184 12.99 -21.41 18.44
N ARG A 185 12.27 -20.44 17.87
CA ARG A 185 12.85 -19.40 17.00
C ARG A 185 13.94 -18.67 17.80
N ALA B 2 10.42 1.04 -10.35
CA ALA B 2 10.46 1.87 -11.62
C ALA B 2 9.29 2.85 -11.67
N THR B 3 9.39 3.84 -12.56
CA THR B 3 8.32 4.83 -12.72
C THR B 3 7.67 4.59 -14.11
N ILE B 4 6.35 4.44 -14.13
CA ILE B 4 5.61 4.15 -15.36
C ILE B 4 4.64 5.31 -15.56
N ILE B 5 4.59 5.96 -16.73
CA ILE B 5 3.55 7.01 -16.86
C ILE B 5 2.48 6.47 -17.81
N PHE B 6 1.25 6.94 -17.63
CA PHE B 6 0.15 6.58 -18.52
C PHE B 6 -0.37 7.93 -19.07
N ALA B 7 -0.67 7.97 -20.37
CA ALA B 7 -1.21 9.18 -21.00
C ALA B 7 -2.14 8.75 -22.12
N GLY B 8 -3.03 9.65 -22.53
CA GLY B 8 -3.90 9.37 -23.66
C GLY B 8 -4.95 10.46 -23.80
N ARG B 9 -5.64 10.47 -24.94
CA ARG B 9 -6.72 11.43 -25.14
C ARG B 9 -7.81 11.03 -24.13
N SER B 10 -8.67 11.98 -23.82
CA SER B 10 -9.80 11.72 -22.96
C SER B 10 -10.74 10.68 -23.57
N ASN B 11 -11.32 9.82 -22.71
CA ASN B 11 -12.28 8.79 -23.11
C ASN B 11 -11.72 7.60 -23.82
N VAL B 12 -10.39 7.43 -23.85
CA VAL B 12 -9.91 6.24 -24.56
C VAL B 12 -9.94 5.03 -23.66
N GLY B 13 -10.19 5.24 -22.38
CA GLY B 13 -10.20 4.10 -21.44
C GLY B 13 -8.99 4.02 -20.50
N LYS B 14 -8.26 5.12 -20.34
CA LYS B 14 -7.08 5.15 -19.52
C LYS B 14 -7.38 4.85 -18.04
N SER B 15 -8.42 5.46 -17.47
CA SER B 15 -8.71 5.15 -16.04
C SER B 15 -9.21 3.71 -15.86
N THR B 16 -10.00 3.21 -16.81
CA THR B 16 -10.43 1.82 -16.76
C THR B 16 -9.21 0.91 -16.88
N LEU B 17 -8.30 1.21 -17.82
CA LEU B 17 -7.11 0.39 -17.94
C LEU B 17 -6.29 0.36 -16.63
N ILE B 18 -6.11 1.52 -16.00
CA ILE B 18 -5.33 1.57 -14.76
C ILE B 18 -6.09 0.75 -13.71
N TYR B 19 -7.40 0.89 -13.64
CA TYR B 19 -8.16 0.06 -12.70
C TYR B 19 -7.96 -1.44 -12.98
N ARG B 20 -8.03 -1.86 -14.24
CA ARG B 20 -7.85 -3.30 -14.58
C ARG B 20 -6.48 -3.83 -14.23
N LEU B 21 -5.48 -2.95 -14.26
CA LEU B 21 -4.13 -3.40 -13.98
C LEU B 21 -3.81 -3.41 -12.47
N THR B 22 -4.40 -2.45 -11.77
CA THR B 22 -4.07 -2.20 -10.38
C THR B 22 -5.14 -2.27 -9.29
N GLY B 23 -6.44 -2.35 -9.65
CA GLY B 23 -7.49 -2.39 -8.64
C GLY B 23 -7.69 -1.01 -8.03
N LYS B 24 -7.05 0.01 -8.59
CA LYS B 24 -7.20 1.37 -8.07
C LYS B 24 -7.92 2.24 -9.08
N LYS B 25 -8.87 3.05 -8.60
CA LYS B 25 -9.62 3.91 -9.49
C LYS B 25 -9.04 5.30 -9.32
N VAL B 26 -8.50 5.83 -10.42
CA VAL B 26 -7.90 7.14 -10.46
C VAL B 26 -8.84 8.05 -11.25
N ARG B 27 -9.11 9.23 -10.69
CA ARG B 27 -9.96 10.26 -11.33
C ARG B 27 -11.37 10.33 -10.73
N ARG B 36 -7.90 17.39 -13.16
CA ARG B 36 -6.94 18.22 -13.92
C ARG B 36 -5.51 18.11 -13.38
N LYS B 37 -5.27 17.12 -12.54
CA LYS B 37 -3.96 17.01 -11.94
C LYS B 37 -3.21 15.77 -12.31
N ILE B 38 -1.89 15.84 -12.24
CA ILE B 38 -1.03 14.68 -12.46
C ILE B 38 -1.12 13.95 -11.11
N ILE B 39 -1.48 12.67 -11.16
CA ILE B 39 -1.73 11.81 -10.01
C ILE B 39 -0.75 10.64 -9.93
N GLU B 40 -0.28 10.37 -8.73
CA GLU B 40 0.64 9.27 -8.55
C GLU B 40 0.00 8.18 -7.68
N ILE B 41 0.25 6.91 -8.01
CA ILE B 41 -0.23 5.80 -7.21
C ILE B 41 0.86 4.71 -7.19
N GLU B 42 0.83 3.86 -6.18
CA GLU B 42 1.81 2.81 -6.08
C GLU B 42 1.26 1.56 -6.71
N TRP B 43 2.13 0.75 -7.32
CA TRP B 43 1.68 -0.48 -7.98
C TRP B 43 2.82 -1.50 -7.95
N LYS B 44 2.65 -2.53 -7.13
CA LYS B 44 3.65 -3.55 -6.93
C LYS B 44 4.82 -2.74 -6.41
N ASN B 45 6.02 -2.96 -6.88
CA ASN B 45 7.12 -2.15 -6.30
C ASN B 45 7.40 -0.85 -7.11
N HIS B 46 6.44 -0.46 -7.94
CA HIS B 46 6.58 0.66 -8.86
C HIS B 46 5.73 1.87 -8.55
N LYS B 47 5.94 2.92 -9.33
CA LYS B 47 5.15 4.12 -9.18
C LYS B 47 4.48 4.35 -10.52
N ILE B 48 3.16 4.60 -10.52
CA ILE B 48 2.48 4.94 -11.76
C ILE B 48 2.15 6.42 -11.66
N ILE B 49 2.47 7.18 -12.71
CA ILE B 49 2.11 8.59 -12.72
C ILE B 49 1.14 8.74 -13.89
N ASP B 50 -0.09 9.12 -13.57
CA ASP B 50 -1.16 9.26 -14.53
C ASP B 50 -1.39 10.67 -14.93
N PRO B 52 -3.41 13.74 -16.86
CA PRO B 52 -4.81 14.00 -17.19
C PRO B 52 -5.01 13.71 -18.67
N GLY B 53 -6.23 13.33 -19.07
CA GLY B 53 -6.47 13.08 -20.50
C GLY B 53 -6.29 14.30 -21.39
N PHE B 54 -5.75 14.08 -22.57
CA PHE B 54 -5.50 15.12 -23.57
C PHE B 54 -6.73 15.44 -24.36
N GLY B 55 -6.68 16.58 -25.03
CA GLY B 55 -7.78 16.94 -25.92
C GLY B 55 -9.04 17.46 -25.29
N PHE B 56 -10.06 17.56 -26.14
CA PHE B 56 -11.36 18.10 -25.72
C PHE B 56 -12.11 17.28 -24.68
N GLY B 59 -16.91 20.73 -20.68
CA GLY B 59 -16.80 21.34 -19.37
C GLY B 59 -15.40 21.84 -19.08
N LEU B 60 -14.44 21.44 -19.91
CA LEU B 60 -13.05 21.86 -19.77
C LEU B 60 -12.81 22.97 -20.80
N PRO B 61 -12.68 24.22 -20.36
CA PRO B 61 -12.46 25.33 -21.32
C PRO B 61 -11.24 25.04 -22.18
N LYS B 62 -11.28 25.51 -23.44
CA LYS B 62 -10.17 25.31 -24.37
C LYS B 62 -8.86 25.80 -23.73
N GLU B 63 -8.97 26.91 -23.01
CA GLU B 63 -7.78 27.52 -22.40
C GLU B 63 -7.18 26.64 -21.32
N VAL B 64 -8.04 25.99 -20.56
CA VAL B 64 -7.56 25.11 -19.52
C VAL B 64 -6.94 23.88 -20.15
N GLN B 65 -7.59 23.32 -21.18
CA GLN B 65 -7.08 22.16 -21.89
C GLN B 65 -5.66 22.48 -22.36
N GLU B 66 -5.49 23.66 -22.95
CA GLU B 66 -4.15 24.09 -23.44
C GLU B 66 -3.10 24.17 -22.35
N ARG B 67 -3.51 24.69 -21.19
CA ARG B 67 -2.58 24.83 -20.07
C ARG B 67 -2.16 23.47 -19.61
N ILE B 68 -3.13 22.56 -19.51
CA ILE B 68 -2.81 21.20 -19.02
C ILE B 68 -1.89 20.46 -20.01
N LYS B 69 -2.11 20.66 -21.28
CA LYS B 69 -1.29 20.02 -22.30
C LYS B 69 0.20 20.35 -22.04
N ASP B 70 0.48 21.63 -21.90
CA ASP B 70 1.85 22.08 -21.64
C ASP B 70 2.38 21.65 -20.27
N GLU B 71 1.53 21.57 -19.27
CA GLU B 71 2.00 21.07 -17.95
C GLU B 71 2.47 19.64 -18.07
N ILE B 72 1.72 18.83 -18.85
CA ILE B 72 2.12 17.44 -19.02
C ILE B 72 3.46 17.34 -19.80
N VAL B 73 3.58 18.09 -20.88
CA VAL B 73 4.81 18.09 -21.68
C VAL B 73 5.99 18.49 -20.84
N HIS B 74 5.82 19.58 -20.08
CA HIS B 74 6.93 20.00 -19.23
C HIS B 74 7.27 19.04 -18.13
N PHE B 75 6.25 18.45 -17.51
CA PHE B 75 6.49 17.44 -16.50
C PHE B 75 7.30 16.29 -17.06
N ILE B 76 6.88 15.78 -18.21
CA ILE B 76 7.58 14.64 -18.75
C ILE B 76 8.99 15.06 -19.15
N GLU B 77 9.14 16.22 -19.77
CA GLU B 77 10.49 16.68 -20.10
C GLU B 77 11.37 16.73 -18.86
N ASP B 78 10.87 17.39 -17.80
CA ASP B 78 11.65 17.58 -16.57
C ASP B 78 12.02 16.27 -15.91
N ASN B 79 11.17 15.27 -16.10
CA ASN B 79 11.36 13.94 -15.53
C ASN B 79 11.84 12.87 -16.52
N ALA B 80 12.27 13.27 -17.73
CA ALA B 80 12.64 12.26 -18.73
C ALA B 80 13.66 11.24 -18.24
N LYS B 81 14.60 11.68 -17.43
CA LYS B 81 15.62 10.71 -16.97
C LYS B 81 15.23 9.80 -15.80
N ASN B 82 14.03 10.01 -15.23
CA ASN B 82 13.58 9.16 -14.16
C ASN B 82 12.27 8.48 -14.53
N ILE B 83 11.88 8.54 -15.79
CA ILE B 83 10.67 7.81 -16.24
C ILE B 83 11.17 6.58 -16.98
N ASP B 84 10.84 5.42 -16.47
CA ASP B 84 11.34 4.16 -17.05
C ASP B 84 10.55 3.65 -18.24
N VAL B 85 9.25 3.90 -18.26
CA VAL B 85 8.42 3.43 -19.40
C VAL B 85 7.14 4.22 -19.46
N ALA B 86 6.62 4.40 -20.66
CA ALA B 86 5.36 5.13 -20.83
C ALA B 86 4.38 4.20 -21.55
N VAL B 87 3.13 4.26 -21.13
CA VAL B 87 2.05 3.52 -21.77
C VAL B 87 1.13 4.59 -22.33
N LEU B 88 1.13 4.70 -23.66
CA LEU B 88 0.24 5.66 -24.30
C LEU B 88 -1.01 4.84 -24.64
N VAL B 89 -2.14 5.19 -24.04
CA VAL B 89 -3.36 4.49 -24.31
C VAL B 89 -4.07 5.17 -25.46
N VAL B 90 -4.45 4.39 -26.48
CA VAL B 90 -5.19 4.88 -27.59
C VAL B 90 -6.47 4.08 -27.77
N ASP B 91 -7.48 4.72 -28.34
CA ASP B 91 -8.75 4.08 -28.64
C ASP B 91 -8.58 3.52 -30.07
N GLY B 92 -8.39 2.20 -30.17
CA GLY B 92 -8.14 1.54 -31.45
C GLY B 92 -9.21 1.75 -32.50
N LYS B 93 -10.43 2.02 -32.09
CA LYS B 93 -11.45 2.19 -33.09
C LYS B 93 -11.54 3.65 -33.54
N ALA B 94 -11.39 4.59 -32.60
CA ALA B 94 -11.53 6.01 -32.99
C ALA B 94 -10.24 6.60 -33.55
N ALA B 95 -9.09 6.15 -33.00
CA ALA B 95 -7.81 6.76 -33.35
C ALA B 95 -7.49 6.88 -34.82
N PRO B 96 -7.60 5.78 -35.58
CA PRO B 96 -7.30 5.93 -37.01
C PRO B 96 -8.24 6.94 -37.74
N GLU B 97 -9.52 6.94 -37.38
CA GLU B 97 -10.49 7.84 -38.00
C GLU B 97 -10.21 9.27 -37.57
N ILE B 98 -9.88 9.49 -36.30
CA ILE B 98 -9.52 10.85 -35.89
C ILE B 98 -8.26 11.33 -36.61
N ILE B 99 -7.26 10.46 -36.75
CA ILE B 99 -6.07 10.87 -37.47
C ILE B 99 -6.45 11.26 -38.90
N LYS B 100 -7.31 10.49 -39.58
CA LYS B 100 -7.63 10.90 -40.96
C LYS B 100 -8.33 12.25 -41.07
N ARG B 101 -9.23 12.51 -40.13
CA ARG B 101 -9.98 13.78 -40.22
C ARG B 101 -9.10 14.95 -39.90
N TRP B 102 -8.16 14.77 -38.96
CA TRP B 102 -7.27 15.84 -38.60
C TRP B 102 -6.29 16.06 -39.75
N GLU B 103 -5.77 14.96 -40.32
CA GLU B 103 -4.88 15.13 -41.47
C GLU B 103 -5.62 15.81 -42.64
N LYS B 104 -6.93 15.61 -42.77
CA LYS B 104 -7.64 16.25 -43.87
C LYS B 104 -7.63 17.78 -43.72
N ARG B 105 -7.64 18.27 -42.48
CA ARG B 105 -7.62 19.72 -42.21
C ARG B 105 -6.21 20.25 -42.07
N GLY B 106 -5.22 19.38 -42.23
CA GLY B 106 -3.85 19.85 -42.05
C GLY B 106 -3.46 20.11 -40.60
N GLU B 107 -4.09 19.39 -39.66
CA GLU B 107 -3.82 19.53 -38.23
C GLU B 107 -3.04 18.26 -37.83
N ILE B 108 -2.21 18.37 -36.80
CA ILE B 108 -1.36 17.24 -36.36
C ILE B 108 -2.16 16.51 -35.27
N PRO B 109 -2.51 15.25 -35.49
CA PRO B 109 -3.28 14.55 -34.46
C PRO B 109 -2.56 14.48 -33.11
N ILE B 110 -3.32 14.54 -32.00
CA ILE B 110 -2.72 14.48 -30.69
C ILE B 110 -1.91 13.20 -30.44
N ASP B 111 -2.45 12.07 -30.90
CA ASP B 111 -1.79 10.78 -30.64
C ASP B 111 -0.43 10.68 -31.32
N VAL B 112 -0.39 11.17 -32.55
CA VAL B 112 0.82 11.12 -33.36
C VAL B 112 1.86 12.03 -32.73
N GLU B 113 1.47 13.27 -32.43
CA GLU B 113 2.39 14.24 -31.85
C GLU B 113 2.95 13.72 -30.53
N PHE B 114 2.05 13.20 -29.69
CA PHE B 114 2.51 12.78 -28.37
C PHE B 114 3.43 11.56 -28.43
N TYR B 115 3.10 10.55 -29.22
CA TYR B 115 4.02 9.39 -29.34
C TYR B 115 5.42 9.86 -29.81
N GLN B 116 5.46 10.73 -30.82
CA GLN B 116 6.74 11.23 -31.30
C GLN B 116 7.51 12.09 -30.30
N PHE B 117 6.77 12.78 -29.42
CA PHE B 117 7.37 13.59 -28.38
C PHE B 117 8.06 12.65 -27.38
N LEU B 118 7.41 11.55 -27.02
CA LEU B 118 8.06 10.63 -26.08
C LEU B 118 9.30 10.00 -26.71
N ARG B 119 9.26 9.78 -28.02
CA ARG B 119 10.40 9.19 -28.70
C ARG B 119 11.61 10.15 -28.64
N GLU B 120 11.35 11.46 -28.79
CA GLU B 120 12.43 12.44 -28.69
C GLU B 120 13.10 12.36 -27.28
N LEU B 121 12.33 11.96 -26.25
CA LEU B 121 12.89 11.94 -24.90
C LEU B 121 13.52 10.59 -24.55
N ASP B 122 13.52 9.65 -25.51
CA ASP B 122 14.10 8.36 -25.26
C ASP B 122 13.37 7.59 -24.13
N ILE B 123 12.09 7.84 -24.00
CA ILE B 123 11.30 7.07 -23.06
C ILE B 123 10.68 5.84 -23.78
N PRO B 124 10.99 4.63 -23.30
CA PRO B 124 10.44 3.41 -23.92
C PRO B 124 8.89 3.58 -23.86
N THR B 125 8.21 3.43 -24.97
CA THR B 125 6.76 3.61 -25.00
C THR B 125 6.02 2.38 -25.54
N ILE B 126 4.99 1.93 -24.81
CA ILE B 126 4.15 0.81 -25.20
C ILE B 126 2.85 1.49 -25.54
N VAL B 127 2.29 1.18 -26.71
CA VAL B 127 0.99 1.74 -27.09
C VAL B 127 -0.08 0.69 -26.81
N ALA B 128 -0.96 1.01 -25.86
CA ALA B 128 -2.03 0.09 -25.53
C ALA B 128 -3.14 0.43 -26.47
N VAL B 129 -3.40 -0.45 -27.44
CA VAL B 129 -4.49 -0.12 -28.39
C VAL B 129 -5.78 -0.69 -27.80
N ASN B 130 -6.52 0.18 -27.17
CA ASN B 130 -7.70 -0.22 -26.42
C ASN B 130 -8.96 -0.29 -27.23
N LYS B 131 -9.96 -0.93 -26.63
CA LYS B 131 -11.28 -1.19 -27.24
C LYS B 131 -11.23 -2.11 -28.43
N LEU B 132 -10.44 -3.17 -28.28
CA LEU B 132 -10.28 -4.20 -29.29
C LEU B 132 -11.61 -4.85 -29.59
N ASP B 133 -12.54 -4.79 -28.63
CA ASP B 133 -13.84 -5.39 -28.86
C ASP B 133 -14.67 -4.67 -29.92
N LYS B 134 -14.23 -3.47 -30.30
CA LYS B 134 -14.93 -2.66 -31.30
C LYS B 134 -14.17 -2.67 -32.59
N ILE B 135 -12.98 -3.24 -32.58
CA ILE B 135 -12.15 -3.19 -33.80
C ILE B 135 -12.40 -4.34 -34.81
N LYS B 136 -12.68 -4.00 -36.07
CA LYS B 136 -12.92 -5.03 -37.06
C LYS B 136 -11.64 -5.73 -37.59
N ASN B 137 -10.56 -4.97 -37.80
CA ASN B 137 -9.34 -5.56 -38.33
C ASN B 137 -8.19 -5.00 -37.48
N VAL B 138 -7.80 -5.76 -36.49
CA VAL B 138 -6.79 -5.32 -35.57
C VAL B 138 -5.43 -5.13 -36.24
N GLN B 139 -5.04 -6.05 -37.10
CA GLN B 139 -3.74 -5.81 -37.69
C GLN B 139 -3.70 -4.56 -38.60
N GLU B 140 -4.82 -4.23 -39.27
CA GLU B 140 -4.90 -3.06 -40.12
C GLU B 140 -4.78 -1.82 -39.24
N VAL B 141 -5.47 -1.81 -38.11
CA VAL B 141 -5.38 -0.66 -37.19
C VAL B 141 -3.93 -0.50 -36.66
N ILE B 142 -3.30 -1.57 -36.25
CA ILE B 142 -1.95 -1.45 -35.75
C ILE B 142 -1.00 -0.98 -36.82
N ASN B 143 -1.13 -1.54 -38.03
CA ASN B 143 -0.24 -1.13 -39.12
C ASN B 143 -0.43 0.34 -39.45
N PHE B 144 -1.67 0.82 -39.40
CA PHE B 144 -1.95 2.20 -39.72
C PHE B 144 -1.37 3.12 -38.65
N LEU B 145 -1.61 2.81 -37.38
CA LEU B 145 -1.02 3.59 -36.31
C LEU B 145 0.51 3.54 -36.36
N ALA B 146 1.12 2.40 -36.69
CA ALA B 146 2.59 2.34 -36.75
C ALA B 146 3.08 3.32 -37.83
N GLU B 147 2.38 3.32 -38.97
CA GLU B 147 2.80 4.21 -40.05
C GLU B 147 2.70 5.69 -39.67
N LYS B 148 1.62 6.04 -38.99
CA LYS B 148 1.42 7.42 -38.64
C LYS B 148 2.26 7.85 -37.44
N PHE B 149 2.54 6.92 -36.53
CA PHE B 149 3.37 7.22 -35.36
C PHE B 149 4.85 7.19 -35.73
N GLU B 150 5.15 6.62 -36.90
CA GLU B 150 6.51 6.44 -37.41
C GLU B 150 7.25 5.37 -36.63
N VAL B 151 6.59 4.23 -36.52
CA VAL B 151 7.15 3.04 -35.85
C VAL B 151 7.40 2.06 -36.96
N PRO B 152 8.67 1.71 -37.16
CA PRO B 152 8.94 0.76 -38.24
C PRO B 152 8.49 -0.66 -38.06
N LEU B 153 8.46 -1.34 -39.19
CA LEU B 153 7.99 -2.72 -39.23
C LEU B 153 8.60 -3.58 -38.13
N SER B 154 9.93 -3.50 -37.99
CA SER B 154 10.65 -4.30 -37.01
C SER B 154 10.32 -3.99 -35.55
N GLU B 155 9.66 -2.86 -35.30
CA GLU B 155 9.34 -2.53 -33.94
C GLU B 155 7.87 -2.72 -33.55
N ILE B 156 7.00 -2.96 -34.53
CA ILE B 156 5.57 -2.99 -34.23
C ILE B 156 5.11 -3.93 -33.14
N ASP B 157 5.58 -5.18 -33.15
CA ASP B 157 5.13 -6.08 -32.10
C ASP B 157 5.66 -5.69 -30.72
N LYS B 158 6.79 -5.02 -30.65
CA LYS B 158 7.34 -4.62 -29.36
C LYS B 158 6.53 -3.49 -28.79
N VAL B 159 5.99 -2.66 -29.70
CA VAL B 159 5.27 -1.44 -29.33
C VAL B 159 3.78 -1.50 -29.15
N PHE B 160 3.07 -2.06 -30.11
CA PHE B 160 1.60 -2.05 -30.07
C PHE B 160 0.96 -3.29 -29.49
N ILE B 161 0.22 -3.13 -28.41
CA ILE B 161 -0.43 -4.26 -27.76
C ILE B 161 -1.93 -3.95 -27.69
N PRO B 162 -2.75 -4.65 -28.48
CA PRO B 162 -4.18 -4.49 -28.50
C PRO B 162 -4.77 -5.09 -27.21
N ILE B 163 -5.72 -4.39 -26.57
CA ILE B 163 -6.39 -4.87 -25.35
C ILE B 163 -7.84 -4.41 -25.31
N SER B 164 -8.63 -5.05 -24.46
CA SER B 164 -9.97 -4.55 -24.19
C SER B 164 -10.02 -4.32 -22.66
N ALA B 165 -9.87 -3.05 -22.23
CA ALA B 165 -9.93 -2.76 -20.81
C ALA B 165 -11.31 -3.10 -20.30
N LYS B 166 -12.31 -3.02 -21.19
CA LYS B 166 -13.67 -3.30 -20.76
C LYS B 166 -13.91 -4.77 -20.43
N PHE B 167 -13.56 -5.64 -21.37
CA PHE B 167 -13.77 -7.05 -21.22
C PHE B 167 -12.59 -7.89 -20.76
N GLY B 168 -11.42 -7.26 -20.60
CA GLY B 168 -10.24 -7.96 -20.11
C GLY B 168 -9.23 -8.53 -21.09
N ASP B 169 -9.57 -8.59 -22.38
CA ASP B 169 -8.70 -9.16 -23.41
C ASP B 169 -7.28 -8.62 -23.38
N ASN B 170 -6.31 -9.52 -23.22
CA ASN B 170 -4.90 -9.18 -23.24
C ASN B 170 -4.36 -8.24 -22.13
N ILE B 171 -5.14 -8.08 -21.07
CA ILE B 171 -4.67 -7.21 -19.96
C ILE B 171 -3.40 -7.84 -19.33
N GLU B 172 -3.37 -9.18 -19.16
CA GLU B 172 -2.17 -9.81 -18.61
C GLU B 172 -0.99 -9.67 -19.54
N ARG B 173 -1.24 -9.76 -20.83
CA ARG B 173 -0.16 -9.61 -21.78
C ARG B 173 0.46 -8.20 -21.67
N LEU B 174 -0.39 -7.19 -21.52
CA LEU B 174 0.09 -5.83 -21.40
C LEU B 174 0.84 -5.69 -20.06
N LYS B 175 0.29 -6.28 -18.99
CA LYS B 175 0.94 -6.22 -17.69
C LYS B 175 2.35 -6.79 -17.84
N ASN B 176 2.46 -7.90 -18.56
CA ASN B 176 3.75 -8.50 -18.74
C ASN B 176 4.72 -7.71 -19.57
N ARG B 177 4.23 -7.02 -20.58
CA ARG B 177 5.10 -6.25 -21.44
C ARG B 177 5.66 -5.08 -20.62
N ILE B 178 4.82 -4.45 -19.79
CA ILE B 178 5.29 -3.35 -18.97
C ILE B 178 6.48 -3.86 -18.10
N PHE B 179 6.28 -4.98 -17.42
CA PHE B 179 7.32 -5.55 -16.56
C PHE B 179 8.55 -5.95 -17.39
N GLU B 180 8.34 -6.45 -18.61
CA GLU B 180 9.46 -6.83 -19.43
C GLU B 180 10.29 -5.62 -19.86
N VAL B 181 9.63 -4.52 -20.22
CA VAL B 181 10.35 -3.32 -20.61
C VAL B 181 11.15 -2.77 -19.42
N ILE B 182 10.58 -2.83 -18.21
CA ILE B 182 11.27 -2.36 -17.02
C ILE B 182 12.51 -3.23 -16.82
N ARG B 183 12.33 -4.54 -16.85
CA ARG B 183 13.44 -5.48 -16.68
C ARG B 183 14.49 -5.27 -17.73
N GLU B 184 14.06 -5.05 -18.97
CA GLU B 184 14.99 -4.83 -20.08
C GLU B 184 15.98 -3.72 -19.86
N ARG B 185 15.54 -2.66 -19.18
CA ARG B 185 16.37 -1.49 -18.92
C ARG B 185 17.08 -1.57 -17.55
N ALA C 2 15.78 4.38 26.97
CA ALA C 2 16.12 5.60 26.17
C ALA C 2 15.03 6.65 26.29
N THR C 3 15.31 7.86 25.82
CA THR C 3 14.38 8.94 25.92
C THR C 3 13.69 9.22 24.60
N ILE C 4 12.38 9.23 24.69
CA ILE C 4 11.54 9.43 23.54
C ILE C 4 10.63 10.61 23.75
N ILE C 5 10.65 11.62 22.89
CA ILE C 5 9.69 12.68 23.09
C ILE C 5 8.49 12.48 22.19
N PHE C 6 7.31 12.81 22.69
CA PHE C 6 6.08 12.77 21.88
C PHE C 6 5.61 14.22 21.78
N ALA C 7 5.25 14.66 20.58
CA ALA C 7 4.74 16.05 20.39
C ALA C 7 3.71 16.09 19.30
N GLY C 8 2.83 17.11 19.33
CA GLY C 8 1.87 17.18 18.27
C GLY C 8 0.84 18.27 18.54
N ARG C 9 0.15 18.66 17.48
CA ARG C 9 -0.94 19.60 17.67
C ARG C 9 -2.02 18.99 18.54
N SER C 10 -2.75 19.87 19.23
CA SER C 10 -3.85 19.35 20.03
C SER C 10 -4.84 18.59 19.16
N ASN C 11 -5.47 17.59 19.75
CA ASN C 11 -6.49 16.76 19.07
C ASN C 11 -6.00 15.76 18.00
N VAL C 12 -4.69 15.56 17.84
CA VAL C 12 -4.25 14.59 16.82
C VAL C 12 -4.29 13.12 17.27
N GLY C 13 -4.41 12.88 18.57
CA GLY C 13 -4.44 11.52 19.08
C GLY C 13 -3.23 11.14 19.92
N LYS C 14 -2.46 12.12 20.41
CA LYS C 14 -1.25 11.81 21.18
C LYS C 14 -1.58 11.10 22.48
N SER C 15 -2.58 11.57 23.21
CA SER C 15 -2.90 10.87 24.45
C SER C 15 -3.46 9.44 24.16
N THR C 16 -4.19 9.27 23.06
CA THR C 16 -4.71 7.96 22.69
C THR C 16 -3.53 7.03 22.38
N LEU C 17 -2.52 7.55 21.69
CA LEU C 17 -1.33 6.73 21.40
C LEU C 17 -0.61 6.28 22.68
N ILE C 18 -0.43 7.22 23.63
CA ILE C 18 0.21 6.87 24.84
C ILE C 18 -0.60 5.80 25.57
N TYR C 19 -1.93 5.93 25.54
CA TYR C 19 -2.80 4.98 26.18
C TYR C 19 -2.64 3.64 25.48
N ARG C 20 -2.47 3.63 24.15
CA ARG C 20 -2.31 2.36 23.43
C ARG C 20 -1.05 1.62 23.95
N LEU C 21 0.05 2.36 24.12
CA LEU C 21 1.31 1.79 24.57
C LEU C 21 1.45 1.45 26.05
N THR C 22 0.90 2.29 26.93
CA THR C 22 1.10 2.20 28.36
C THR C 22 -0.10 1.84 29.18
N GLY C 23 -1.25 1.87 28.53
CA GLY C 23 -2.47 1.55 29.23
C GLY C 23 -2.88 2.61 30.20
N LYS C 24 -2.16 3.75 30.19
CA LYS C 24 -2.44 4.86 31.08
C LYS C 24 -2.92 6.12 30.37
N LYS C 25 -3.86 6.82 31.00
CA LYS C 25 -4.42 8.05 30.46
C LYS C 25 -3.74 9.17 31.24
N VAL C 26 -2.74 9.77 30.61
CA VAL C 26 -1.92 10.77 31.26
C VAL C 26 -2.46 12.15 31.67
N ARG C 27 -3.25 12.77 30.81
CA ARG C 27 -3.83 14.10 31.08
C ARG C 27 -5.32 14.08 31.40
N GLY C 33 -3.64 21.08 36.04
CA GLY C 33 -2.54 21.98 35.75
C GLY C 33 -1.41 21.30 35.00
N VAL C 34 -1.59 20.00 34.74
CA VAL C 34 -0.59 19.24 33.99
C VAL C 34 -1.14 19.03 32.59
N THR C 35 -2.24 19.71 32.26
CA THR C 35 -2.79 19.59 30.92
C THR C 35 -1.89 20.47 30.06
N ARG C 36 -1.31 21.49 30.69
CA ARG C 36 -0.39 22.42 30.01
C ARG C 36 1.09 22.15 30.38
N LYS C 37 1.38 20.99 30.99
CA LYS C 37 2.76 20.68 31.40
C LYS C 37 3.43 19.49 30.69
N ILE C 38 4.76 19.45 30.75
CA ILE C 38 5.53 18.32 30.15
C ILE C 38 5.32 17.20 31.17
N ILE C 39 5.05 15.98 30.71
CA ILE C 39 4.80 14.85 31.60
C ILE C 39 5.69 13.71 31.17
N GLU C 40 6.37 13.08 32.14
CA GLU C 40 7.24 11.93 31.87
C GLU C 40 6.54 10.62 32.26
N ILE C 41 6.63 9.62 31.39
CA ILE C 41 5.99 8.31 31.60
C ILE C 41 7.02 7.19 31.33
N GLU C 42 7.19 6.26 32.27
CA GLU C 42 8.14 5.14 32.08
C GLU C 42 7.43 4.05 31.28
N TRP C 43 8.08 3.58 30.24
CA TRP C 43 7.52 2.55 29.33
C TRP C 43 8.63 1.67 28.88
N LYS C 44 8.56 0.43 29.34
CA LYS C 44 9.59 -0.56 29.09
C LYS C 44 10.87 0.03 29.71
N ASN C 45 11.97 0.02 28.99
CA ASN C 45 13.17 0.60 29.58
C ASN C 45 13.34 2.02 29.08
N HIS C 46 12.24 2.66 28.67
CA HIS C 46 12.28 4.01 28.08
C HIS C 46 11.49 5.01 28.89
N LYS C 47 11.77 6.28 28.60
CA LYS C 47 11.06 7.34 29.25
C LYS C 47 10.39 8.12 28.15
N ILE C 48 9.05 8.19 28.17
CA ILE C 48 8.31 8.99 27.21
C ILE C 48 8.10 10.38 27.83
N ILE C 49 8.61 11.40 27.15
CA ILE C 49 8.48 12.78 27.62
C ILE C 49 7.39 13.39 26.71
N ASP C 50 6.17 13.49 27.24
CA ASP C 50 5.05 14.00 26.45
C ASP C 50 4.91 15.53 26.55
N PRO C 52 3.00 19.22 25.86
CA PRO C 52 1.59 19.65 25.79
C PRO C 52 1.28 19.90 24.29
N GLY C 53 0.03 19.68 23.88
CA GLY C 53 -0.33 19.86 22.48
C GLY C 53 -0.11 21.26 22.00
N PHE C 54 0.28 21.36 20.73
CA PHE C 54 0.55 22.66 20.12
C PHE C 54 -0.69 23.29 19.56
N GLY C 55 -0.62 24.59 19.33
CA GLY C 55 -1.70 25.29 18.67
C GLY C 55 -2.92 25.66 19.46
N PHE C 56 -3.97 25.99 18.71
CA PHE C 56 -5.22 26.39 19.34
C PHE C 56 -5.99 25.31 20.09
N GLY C 59 -10.56 27.58 25.09
CA GLY C 59 -10.29 27.75 26.51
C GLY C 59 -8.87 28.11 26.83
N LEU C 60 -7.98 28.04 25.84
CA LEU C 60 -6.60 28.38 26.12
C LEU C 60 -6.29 29.79 25.58
N PRO C 61 -5.90 30.71 26.48
CA PRO C 61 -5.57 32.08 26.12
C PRO C 61 -4.41 32.02 25.11
N LYS C 62 -4.35 32.98 24.18
CA LYS C 62 -3.26 32.99 23.19
C LYS C 62 -1.89 33.25 23.82
N GLU C 63 -1.84 34.09 24.83
CA GLU C 63 -0.59 34.43 25.51
C GLU C 63 -0.05 33.21 26.26
N VAL C 64 -0.96 32.31 26.59
CA VAL C 64 -0.59 31.10 27.31
C VAL C 64 -0.02 30.12 26.30
N GLN C 65 -0.75 29.97 25.19
CA GLN C 65 -0.38 29.09 24.08
C GLN C 65 1.08 29.42 23.68
N GLU C 66 1.40 30.72 23.61
CA GLU C 66 2.73 31.17 23.27
C GLU C 66 3.75 30.75 24.32
N ARG C 67 3.47 31.01 25.59
CA ARG C 67 4.40 30.66 26.67
C ARG C 67 4.69 29.14 26.67
N ILE C 68 3.70 28.35 26.32
CA ILE C 68 3.83 26.88 26.27
C ILE C 68 4.72 26.47 25.10
N LYS C 69 4.51 27.10 23.93
CA LYS C 69 5.36 26.81 22.78
C LYS C 69 6.81 27.17 23.14
N ASP C 70 7.04 28.37 23.71
CA ASP C 70 8.42 28.72 24.04
C ASP C 70 9.02 27.76 25.07
N GLU C 71 8.21 27.29 26.02
CA GLU C 71 8.71 26.33 27.02
C GLU C 71 9.10 24.98 26.34
N ILE C 72 8.29 24.55 25.38
CA ILE C 72 8.58 23.27 24.68
C ILE C 72 9.87 23.43 23.88
N VAL C 73 9.95 24.50 23.08
CA VAL C 73 11.14 24.75 22.27
C VAL C 73 12.38 24.79 23.14
N HIS C 74 12.32 25.58 24.22
CA HIS C 74 13.46 25.67 25.12
C HIS C 74 13.81 24.32 25.71
N PHE C 75 12.80 23.56 26.13
CA PHE C 75 13.07 22.27 26.74
C PHE C 75 13.76 21.36 25.72
N ILE C 76 13.29 21.42 24.47
CA ILE C 76 13.88 20.49 23.51
C ILE C 76 15.29 20.87 23.13
N GLU C 77 15.56 22.17 23.03
CA GLU C 77 16.88 22.65 22.66
C GLU C 77 17.81 22.30 23.81
N ASP C 78 17.36 22.55 25.03
CA ASP C 78 18.24 22.33 26.20
C ASP C 78 18.50 20.85 26.48
N ASN C 79 17.62 19.99 25.99
CA ASN C 79 17.78 18.56 26.22
C ASN C 79 18.04 17.70 24.96
N ALA C 80 18.30 18.36 23.83
CA ALA C 80 18.55 17.67 22.57
C ALA C 80 19.57 16.57 22.67
N LYS C 81 20.64 16.85 23.37
CA LYS C 81 21.71 15.86 23.59
C LYS C 81 21.21 14.57 24.28
N ASN C 82 20.16 14.67 25.09
CA ASN C 82 19.65 13.48 25.79
C ASN C 82 18.35 12.88 25.25
N ILE C 83 17.90 13.38 24.11
CA ILE C 83 16.68 12.86 23.50
C ILE C 83 17.15 11.95 22.36
N ASP C 84 16.85 10.67 22.50
CA ASP C 84 17.20 9.63 21.54
C ASP C 84 16.33 9.64 20.30
N VAL C 85 15.05 9.99 20.45
CA VAL C 85 14.18 9.98 19.28
C VAL C 85 12.94 10.79 19.60
N ALA C 86 12.41 11.44 18.57
CA ALA C 86 11.18 12.22 18.67
C ALA C 86 10.13 11.55 17.84
N VAL C 87 8.90 11.58 18.35
CA VAL C 87 7.80 11.05 17.58
C VAL C 87 6.84 12.22 17.45
N LEU C 88 6.69 12.72 16.24
CA LEU C 88 5.73 13.83 15.98
C LEU C 88 4.45 13.17 15.51
N VAL C 89 3.38 13.31 16.31
CA VAL C 89 2.11 12.73 15.96
C VAL C 89 1.35 13.76 15.16
N VAL C 90 0.86 13.38 13.99
CA VAL C 90 0.05 14.28 13.16
C VAL C 90 -1.30 13.66 12.89
N ASP C 91 -2.27 14.50 12.58
CA ASP C 91 -3.60 14.00 12.21
C ASP C 91 -3.50 13.83 10.69
N GLY C 92 -3.43 12.59 10.21
CA GLY C 92 -3.26 12.34 8.77
C GLY C 92 -4.38 12.88 7.88
N LYS C 93 -5.59 12.93 8.38
CA LYS C 93 -6.67 13.47 7.55
C LYS C 93 -6.70 15.00 7.54
N ALA C 94 -6.50 15.62 8.69
CA ALA C 94 -6.55 17.08 8.78
C ALA C 94 -5.27 17.81 8.38
N ALA C 95 -4.14 17.17 8.62
CA ALA C 95 -2.85 17.85 8.46
C ALA C 95 -2.57 18.42 7.07
N PRO C 96 -2.84 17.65 6.01
CA PRO C 96 -2.56 18.22 4.68
C PRO C 96 -3.43 19.46 4.37
N GLU C 97 -4.70 19.42 4.83
CA GLU C 97 -5.62 20.53 4.52
C GLU C 97 -5.27 21.80 5.30
N ILE C 98 -4.88 21.61 6.56
CA ILE C 98 -4.44 22.71 7.41
C ILE C 98 -3.19 23.32 6.79
N ILE C 99 -2.28 22.48 6.35
CA ILE C 99 -1.06 23.00 5.75
C ILE C 99 -1.41 23.90 4.53
N LYS C 100 -2.33 23.45 3.66
CA LYS C 100 -2.73 24.23 2.48
C LYS C 100 -3.37 25.57 2.83
N ARG C 101 -4.26 25.57 3.83
CA ARG C 101 -4.92 26.82 4.24
C ARG C 101 -3.92 27.75 4.87
N TRP C 102 -2.97 27.21 5.67
CA TRP C 102 -2.00 28.09 6.30
C TRP C 102 -1.00 28.63 5.24
N GLU C 103 -0.61 27.82 4.27
CA GLU C 103 0.31 28.39 3.27
C GLU C 103 -0.35 29.46 2.39
N LYS C 104 -1.64 29.30 2.15
CA LYS C 104 -2.43 30.25 1.37
C LYS C 104 -2.27 31.62 2.02
N ARG C 105 -2.30 31.68 3.34
CA ARG C 105 -2.16 32.95 4.04
C ARG C 105 -0.73 33.34 4.32
N GLY C 106 0.24 32.57 3.84
CA GLY C 106 1.61 32.97 4.11
C GLY C 106 2.08 32.70 5.54
N GLU C 107 1.39 31.82 6.26
CA GLU C 107 1.76 31.45 7.62
C GLU C 107 2.45 30.08 7.54
N ILE C 108 3.37 29.82 8.45
CA ILE C 108 4.05 28.53 8.40
C ILE C 108 3.29 27.56 9.31
N PRO C 109 2.78 26.43 8.75
CA PRO C 109 2.04 25.41 9.52
C PRO C 109 2.88 24.91 10.68
N ILE C 110 2.24 24.70 11.85
CA ILE C 110 2.87 24.21 13.07
C ILE C 110 3.58 22.90 12.81
N ASP C 111 2.93 21.98 12.09
CA ASP C 111 3.58 20.65 11.89
C ASP C 111 4.89 20.80 11.07
N VAL C 112 4.88 21.65 10.05
CA VAL C 112 6.04 21.86 9.21
C VAL C 112 7.12 22.52 10.01
N GLU C 113 6.76 23.58 10.73
CA GLU C 113 7.74 24.28 11.56
C GLU C 113 8.40 23.36 12.62
N PHE C 114 7.61 22.57 13.30
CA PHE C 114 8.15 21.73 14.35
C PHE C 114 8.99 20.60 13.81
N TYR C 115 8.56 19.93 12.72
CA TYR C 115 9.39 18.84 12.19
C TYR C 115 10.75 19.41 11.78
N GLN C 116 10.74 20.56 11.11
CA GLN C 116 12.00 21.17 10.66
C GLN C 116 12.89 21.67 11.83
N PHE C 117 12.25 22.07 12.93
CA PHE C 117 12.98 22.51 14.12
C PHE C 117 13.74 21.26 14.67
N LEU C 118 13.04 20.14 14.80
CA LEU C 118 13.72 18.93 15.33
C LEU C 118 14.86 18.54 14.43
N ARG C 119 14.68 18.70 13.12
CA ARG C 119 15.78 18.36 12.20
C ARG C 119 17.01 19.25 12.40
N GLU C 120 16.79 20.54 12.63
CA GLU C 120 17.95 21.40 12.92
C GLU C 120 18.75 20.92 14.11
N LEU C 121 18.08 20.30 15.07
CA LEU C 121 18.74 19.84 16.30
C LEU C 121 19.31 18.45 16.21
N ASP C 122 19.26 17.88 15.03
CA ASP C 122 19.73 16.57 14.80
C ASP C 122 19.05 15.52 15.64
N ILE C 123 17.76 15.68 15.89
CA ILE C 123 17.06 14.65 16.66
C ILE C 123 16.31 13.75 15.68
N PRO C 124 16.63 12.46 15.68
CA PRO C 124 15.97 11.48 14.81
C PRO C 124 14.44 11.63 15.06
N THR C 125 13.66 11.88 14.00
CA THR C 125 12.23 12.05 14.15
C THR C 125 11.37 11.11 13.31
N ILE C 126 10.40 10.49 13.96
CA ILE C 126 9.45 9.59 13.28
C ILE C 126 8.13 10.37 13.30
N VAL C 127 7.46 10.39 12.17
CA VAL C 127 6.15 11.06 12.09
C VAL C 127 5.05 9.98 12.10
N ALA C 128 4.31 9.91 13.20
CA ALA C 128 3.22 8.99 13.31
C ALA C 128 1.99 9.70 12.68
N VAL C 129 1.63 9.21 11.50
CA VAL C 129 0.50 9.79 10.74
C VAL C 129 -0.72 9.07 11.28
N ASN C 130 -1.32 9.71 12.28
CA ASN C 130 -2.44 9.08 12.97
C ASN C 130 -3.80 9.22 12.29
N LYS C 131 -4.76 8.44 12.78
CA LYS C 131 -6.12 8.39 12.24
C LYS C 131 -6.18 7.79 10.87
N LEU C 132 -5.36 6.76 10.65
CA LEU C 132 -5.32 6.11 9.34
C LEU C 132 -6.69 5.56 8.91
N ASP C 133 -7.50 5.22 9.90
CA ASP C 133 -8.83 4.67 9.68
C ASP C 133 -9.76 5.68 8.97
N LYS C 134 -9.36 6.94 8.92
CA LYS C 134 -10.15 8.04 8.29
C LYS C 134 -9.50 8.45 7.01
N ILE C 135 -8.34 7.86 6.67
CA ILE C 135 -7.64 8.36 5.49
C ILE C 135 -7.90 7.51 4.26
N LYS C 136 -8.43 8.12 3.22
CA LYS C 136 -8.73 7.34 2.02
C LYS C 136 -7.50 6.95 1.19
N ASN C 137 -6.51 7.86 1.10
CA ASN C 137 -5.32 7.53 0.29
C ASN C 137 -4.12 7.91 1.12
N VAL C 138 -3.66 7.01 2.00
CA VAL C 138 -2.58 7.43 2.89
C VAL C 138 -1.25 7.64 2.15
N GLN C 139 -0.98 6.93 1.06
CA GLN C 139 0.31 7.18 0.41
C GLN C 139 0.35 8.59 -0.15
N GLU C 140 -0.79 9.07 -0.62
CA GLU C 140 -0.89 10.44 -1.16
C GLU C 140 -0.67 11.44 -0.03
N VAL C 141 -1.30 11.16 1.11
CA VAL C 141 -1.07 12.07 2.28
C VAL C 141 0.43 12.03 2.70
N ILE C 142 1.03 10.84 2.75
CA ILE C 142 2.43 10.78 3.16
C ILE C 142 3.32 11.54 2.17
N ASN C 143 3.09 11.34 0.88
CA ASN C 143 3.87 12.05 -0.11
C ASN C 143 3.78 13.55 0.02
N PHE C 144 2.58 14.02 0.33
CA PHE C 144 2.34 15.45 0.48
C PHE C 144 3.05 15.96 1.74
N LEU C 145 2.94 15.24 2.88
CA LEU C 145 3.62 15.74 4.08
C LEU C 145 5.18 15.71 3.88
N ALA C 146 5.71 14.72 3.17
CA ALA C 146 7.13 14.64 2.96
C ALA C 146 7.59 15.84 2.16
N GLU C 147 6.86 16.19 1.10
CA GLU C 147 7.20 17.34 0.31
C GLU C 147 7.21 18.61 1.20
N LYS C 148 6.20 18.77 2.06
CA LYS C 148 6.11 19.97 2.90
C LYS C 148 7.10 20.02 4.07
N PHE C 149 7.42 18.86 4.60
CA PHE C 149 8.35 18.70 5.71
C PHE C 149 9.78 18.75 5.22
N GLU C 150 9.97 18.61 3.92
CA GLU C 150 11.30 18.60 3.29
C GLU C 150 12.03 17.29 3.63
N VAL C 151 11.28 16.18 3.50
CA VAL C 151 11.81 14.81 3.70
C VAL C 151 11.96 14.22 2.28
N PRO C 152 13.19 13.98 1.85
CA PRO C 152 13.34 13.42 0.49
C PRO C 152 12.80 12.01 0.31
N LEU C 153 12.54 11.68 -0.95
CA LEU C 153 11.96 10.39 -1.27
C LEU C 153 12.52 9.18 -0.57
N SER C 154 13.84 9.05 -0.61
CA SER C 154 14.55 7.92 -0.01
C SER C 154 14.37 7.75 1.49
N GLU C 155 13.87 8.77 2.17
CA GLU C 155 13.70 8.62 3.63
C GLU C 155 12.23 8.49 4.03
N ILE C 156 11.33 8.64 3.06
CA ILE C 156 9.92 8.65 3.43
C ILE C 156 9.45 7.45 4.28
N ASP C 157 9.86 6.23 3.91
CA ASP C 157 9.48 5.03 4.65
C ASP C 157 10.12 4.90 6.02
N LYS C 158 11.21 5.60 6.22
CA LYS C 158 11.90 5.59 7.48
C LYS C 158 11.26 6.63 8.44
N VAL C 159 10.68 7.66 7.86
CA VAL C 159 10.11 8.71 8.64
C VAL C 159 8.61 8.63 8.91
N PHE C 160 7.84 8.46 7.83
CA PHE C 160 6.39 8.44 7.98
C PHE C 160 5.77 7.08 8.19
N ILE C 161 5.17 6.87 9.37
CA ILE C 161 4.52 5.58 9.65
C ILE C 161 3.03 5.87 9.96
N PRO C 162 2.14 5.40 9.10
CA PRO C 162 0.67 5.61 9.29
C PRO C 162 0.18 4.65 10.37
N ILE C 163 -0.65 5.13 11.29
CA ILE C 163 -1.19 4.29 12.34
C ILE C 163 -2.61 4.73 12.71
N SER C 164 -3.33 3.85 13.43
CA SER C 164 -4.61 4.26 14.01
C SER C 164 -4.45 3.97 15.50
N ALA C 165 -4.23 5.01 16.31
CA ALA C 165 -4.12 4.86 17.76
C ALA C 165 -5.44 4.30 18.31
N LYS C 166 -6.54 4.76 17.72
CA LYS C 166 -7.86 4.28 18.16
C LYS C 166 -8.09 2.80 17.91
N PHE C 167 -7.73 2.33 16.72
CA PHE C 167 -8.05 0.94 16.38
C PHE C 167 -6.87 -0.05 16.38
N GLY C 168 -5.66 0.49 16.49
CA GLY C 168 -4.44 -0.31 16.57
C GLY C 168 -3.72 -0.54 15.27
N ASP C 169 -4.29 -0.07 14.18
CA ASP C 169 -3.67 -0.27 12.86
C ASP C 169 -2.22 0.17 12.78
N ASN C 170 -1.38 -0.76 12.33
CA ASN C 170 0.05 -0.52 12.10
C ASN C 170 0.86 -0.07 13.29
N ILE C 171 0.36 -0.26 14.53
CA ILE C 171 1.05 0.17 15.70
C ILE C 171 2.36 -0.60 15.93
N GLU C 172 2.37 -1.88 15.58
CA GLU C 172 3.58 -2.66 15.79
C GLU C 172 4.73 -2.10 14.93
N ARG C 173 4.45 -1.67 13.71
CA ARG C 173 5.48 -1.09 12.82
C ARG C 173 6.03 0.20 13.46
N LEU C 174 5.14 1.00 14.02
CA LEU C 174 5.62 2.22 14.71
C LEU C 174 6.55 1.83 15.86
N LYS C 175 6.09 0.93 16.70
CA LYS C 175 6.98 0.49 17.78
C LYS C 175 8.32 -0.03 17.25
N ASN C 176 8.30 -0.87 16.23
CA ASN C 176 9.57 -1.39 15.72
C ASN C 176 10.49 -0.30 15.19
N ARG C 177 9.91 0.72 14.58
CA ARG C 177 10.70 1.85 14.05
C ARG C 177 11.29 2.65 15.19
N ILE C 178 10.52 2.80 16.26
CA ILE C 178 11.03 3.54 17.42
C ILE C 178 12.25 2.76 18.00
N PHE C 179 12.12 1.43 18.11
CA PHE C 179 13.19 0.61 18.68
C PHE C 179 14.39 0.60 17.76
N GLU C 180 14.13 0.60 16.47
CA GLU C 180 15.22 0.62 15.49
C GLU C 180 16.06 1.88 15.65
N VAL C 181 15.37 3.03 15.70
CA VAL C 181 16.06 4.32 15.81
C VAL C 181 16.83 4.39 17.12
N ILE C 182 16.25 3.87 18.19
CA ILE C 182 16.93 3.90 19.46
C ILE C 182 18.22 3.09 19.40
N ARG C 183 18.15 1.91 18.78
CA ARG C 183 19.34 1.09 18.63
C ARG C 183 20.43 1.88 17.88
N GLU C 184 20.06 2.60 16.82
CA GLU C 184 20.98 3.40 16.01
C GLU C 184 21.57 4.61 16.74
N ARG C 185 20.81 5.18 17.66
CA ARG C 185 21.25 6.36 18.42
C ARG C 185 22.16 5.97 19.57
#